data_6Q2L
#
_entry.id   6Q2L
#
_cell.length_a   60.223
_cell.length_b   47.695
_cell.length_c   64.652
_cell.angle_alpha   90.000
_cell.angle_beta   113.600
_cell.angle_gamma   90.000
#
_symmetry.space_group_name_H-M   'P 1 21 1'
#
loop_
_entity.id
_entity.type
_entity.pdbx_description
1 polymer 'Agglutinin receptor'
2 non-polymer 'MAGNESIUM ION'
3 non-polymer GLYCEROL
4 water water
#
_entity_poly.entity_id   1
_entity_poly.type   'polypeptide(L)'
_entity_poly.pdbx_seq_one_letter_code
;MGAKYKKEFAAYTAALAEAESKKKQDGYLSEPRSQSLNFKSEPNAIRTIDSSVHQYGQQELDALVKSWGISPTNPDRKKS
TAYSYFNAINSNNTYAKLVLEKDKPVDVTYTGLKNSSFNGKKISKVVYTYTLKETGFNDGTKMTMFASSDPTVTAWYNDY
FTSTNINVKVKFYDEEGQLMNLTGGLVNFSSLNRGNGSGAIDKDAIESVRNFNGRYIPISGSSIKIHENNSAYADSSNAE
KSLGARWNTSEWDTTSSPNNWYGAIVGEITQSEISFNMASSKSGNIWFAFNSNINAIGVPTKPVAPTENLYFQGAAALEH
HHHHH
;
_entity_poly.pdbx_strand_id   A
#
loop_
_chem_comp.id
_chem_comp.type
_chem_comp.name
_chem_comp.formula
GOL non-polymer GLYCEROL 'C3 H8 O3'
MG non-polymer 'MAGNESIUM ION' 'Mg 2'
#
# COMPACT_ATOMS: atom_id res chain seq x y z
N TYR A 5 -21.37 20.08 -17.16
CA TYR A 5 -22.01 19.67 -18.38
C TYR A 5 -21.08 19.12 -19.44
N LYS A 6 -20.45 20.05 -20.18
CA LYS A 6 -19.43 19.76 -21.20
C LYS A 6 -18.29 20.71 -20.97
N LYS A 7 -18.61 21.61 -20.09
CA LYS A 7 -17.64 22.49 -19.57
C LYS A 7 -16.58 21.47 -19.10
N GLU A 8 -17.00 20.39 -18.43
CA GLU A 8 -16.12 19.36 -17.88
C GLU A 8 -15.33 18.60 -18.91
N PHE A 9 -16.02 18.08 -19.90
CA PHE A 9 -15.36 17.33 -20.98
C PHE A 9 -14.30 18.16 -21.72
N ALA A 10 -14.58 19.45 -21.91
CA ALA A 10 -13.61 20.40 -22.48
C ALA A 10 -12.38 20.56 -21.57
N ALA A 11 -12.61 20.70 -20.27
CA ALA A 11 -11.51 20.80 -19.27
C ALA A 11 -10.72 19.51 -19.17
N TYR A 12 -11.43 18.38 -19.20
CA TYR A 12 -10.85 17.02 -19.29
C TYR A 12 -9.93 16.86 -20.52
N THR A 13 -10.40 17.30 -21.68
CA THR A 13 -9.62 17.23 -22.92
C THR A 13 -8.40 18.16 -22.89
N ALA A 14 -8.57 19.35 -22.30
CA ALA A 14 -7.50 20.32 -22.15
C ALA A 14 -6.40 19.80 -21.22
N ALA A 15 -6.79 19.33 -20.04
CA ALA A 15 -5.84 18.76 -19.08
C ALA A 15 -5.08 17.55 -19.63
N LEU A 16 -5.75 16.74 -20.44
CA LEU A 16 -5.14 15.57 -21.06
C LEU A 16 -4.10 15.98 -22.11
N ALA A 17 -4.41 17.05 -22.85
CA ALA A 17 -3.46 17.64 -23.79
C ALA A 17 -2.21 18.17 -23.09
N GLU A 18 -2.42 18.94 -22.03
CA GLU A 18 -1.33 19.40 -21.17
C GLU A 18 -0.51 18.25 -20.58
N ALA A 19 -1.19 17.19 -20.12
CA ALA A 19 -0.51 15.99 -19.59
C ALA A 19 0.39 15.34 -20.65
N GLU A 20 -0.03 15.35 -21.90
CA GLU A 20 0.80 14.78 -22.94
C GLU A 20 1.95 15.72 -23.19
N SER A 21 1.69 17.01 -23.21
CA SER A 21 2.75 18.00 -23.38
C SER A 21 3.82 17.92 -22.28
N LYS A 22 3.37 17.76 -21.03
CA LYS A 22 4.25 17.73 -19.86
C LYS A 22 4.62 16.30 -19.38
N LYS A 23 4.35 15.27 -20.19
CA LYS A 23 4.79 13.88 -19.97
C LYS A 23 6.08 13.70 -19.16
N LYS A 24 7.12 14.39 -19.61
CA LYS A 24 8.47 14.19 -19.13
C LYS A 24 8.84 15.03 -17.92
N GLN A 25 7.97 15.96 -17.54
CA GLN A 25 8.24 16.82 -16.40
C GLN A 25 8.06 16.08 -15.08
N ASP A 26 8.84 16.49 -14.08
CA ASP A 26 8.83 15.88 -12.75
C ASP A 26 7.41 15.84 -12.18
N GLY A 27 7.03 14.64 -11.72
CA GLY A 27 5.71 14.42 -11.12
C GLY A 27 4.57 14.10 -12.06
N TYR A 28 4.78 14.23 -13.38
CA TYR A 28 3.73 13.87 -14.35
C TYR A 28 3.79 12.39 -14.67
N LEU A 29 2.64 11.83 -15.05
CA LEU A 29 2.62 10.47 -15.56
C LEU A 29 3.41 10.43 -16.86
N SER A 30 4.30 9.46 -16.98
CA SER A 30 5.10 9.26 -18.19
C SER A 30 4.25 9.00 -19.42
N GLU A 31 3.06 8.41 -19.22
CA GLU A 31 2.03 8.23 -20.24
C GLU A 31 0.74 8.82 -19.71
N PRO A 32 0.17 9.84 -20.39
CA PRO A 32 -1.03 10.52 -19.90
C PRO A 32 -2.22 9.59 -19.69
N ARG A 33 -2.91 9.76 -18.56
CA ARG A 33 -4.11 9.00 -18.23
C ARG A 33 -5.09 9.90 -17.51
N SER A 34 -6.36 9.52 -17.51
CA SER A 34 -7.36 10.15 -16.66
C SER A 34 -7.72 9.19 -15.55
N GLN A 35 -8.46 9.66 -14.55
CA GLN A 35 -8.86 8.84 -13.40
C GLN A 35 -10.38 8.60 -13.41
N SER A 36 -10.77 7.32 -13.49
CA SER A 36 -12.17 6.90 -13.38
C SER A 36 -12.52 6.29 -12.02
N LEU A 37 -11.49 5.92 -11.24
CA LEU A 37 -11.69 5.32 -9.92
C LEU A 37 -11.65 6.36 -8.81
N ASN A 38 -12.69 6.37 -7.96
CA ASN A 38 -12.77 7.17 -6.75
C ASN A 38 -12.84 6.24 -5.55
N PHE A 39 -11.68 5.95 -4.96
CA PHE A 39 -11.56 5.07 -3.80
C PHE A 39 -10.49 5.70 -2.90
N LYS A 40 -10.91 6.77 -2.22
CA LYS A 40 -10.00 7.74 -1.61
C LYS A 40 -9.95 7.65 -0.09
N SER A 41 -11.13 7.62 0.52
CA SER A 41 -11.27 7.66 1.97
C SER A 41 -12.59 7.02 2.39
N GLU A 42 -12.49 6.06 3.30
CA GLU A 42 -13.64 5.31 3.80
C GLU A 42 -13.50 5.11 5.32
N PRO A 43 -13.50 6.21 6.08
CA PRO A 43 -13.25 6.10 7.53
C PRO A 43 -14.39 5.46 8.33
N ASN A 44 -15.58 5.32 7.73
CA ASN A 44 -16.76 4.74 8.41
C ASN A 44 -17.21 3.40 7.82
N ALA A 45 -16.29 2.70 7.13
CA ALA A 45 -16.58 1.37 6.62
C ALA A 45 -16.78 0.39 7.77
N ILE A 46 -17.52 -0.68 7.48
CA ILE A 46 -17.69 -1.80 8.40
C ILE A 46 -16.68 -2.89 8.03
N ARG A 47 -15.85 -3.29 8.98
CA ARG A 47 -14.84 -4.32 8.77
C ARG A 47 -15.31 -5.64 9.37
N THR A 48 -15.29 -6.71 8.58
CA THR A 48 -15.67 -8.04 9.05
C THR A 48 -14.63 -9.06 8.62
N ILE A 49 -14.23 -9.90 9.58
CA ILE A 49 -13.33 -11.02 9.34
C ILE A 49 -14.04 -12.29 9.83
N ASP A 50 -13.89 -13.38 9.09
CA ASP A 50 -14.56 -14.63 9.41
C ASP A 50 -14.19 -15.14 10.81
N SER A 51 -15.17 -15.73 11.50
CA SER A 51 -14.95 -16.24 12.86
C SER A 51 -13.85 -17.32 12.96
N SER A 52 -13.54 -17.97 11.84
CA SER A 52 -12.42 -18.92 11.79
C SER A 52 -11.06 -18.30 12.04
N VAL A 53 -10.94 -16.99 11.77
CA VAL A 53 -9.70 -16.26 11.97
C VAL A 53 -9.69 -15.63 13.36
N HIS A 54 -8.62 -15.85 14.10
CA HIS A 54 -8.46 -15.26 15.42
C HIS A 54 -7.99 -13.82 15.29
N GLN A 55 -8.79 -12.89 15.82
CA GLN A 55 -8.40 -11.49 15.92
C GLN A 55 -7.86 -11.31 17.33
N TYR A 56 -6.58 -10.98 17.42
CA TYR A 56 -5.87 -10.96 18.69
C TYR A 56 -6.19 -9.75 19.55
N GLY A 57 -6.07 -9.92 20.86
CA GLY A 57 -6.03 -8.80 21.79
C GLY A 57 -4.64 -8.20 21.83
N GLN A 58 -4.53 -6.97 22.31
CA GLN A 58 -3.26 -6.26 22.42
C GLN A 58 -2.27 -7.02 23.30
N GLN A 59 -2.68 -7.32 24.53
CA GLN A 59 -1.81 -8.04 25.45
C GLN A 59 -1.50 -9.45 24.94
N GLU A 60 -2.52 -10.12 24.43
CA GLU A 60 -2.39 -11.48 23.91
C GLU A 60 -1.31 -11.57 22.82
N LEU A 61 -1.34 -10.62 21.88
CA LEU A 61 -0.38 -10.61 20.77
C LEU A 61 1.02 -10.23 21.25
N ASP A 62 1.05 -9.28 22.18
CA ASP A 62 2.29 -8.85 22.83
C ASP A 62 3.02 -10.03 23.45
N ALA A 63 2.28 -10.84 24.21
CA ALA A 63 2.86 -12.02 24.85
C ALA A 63 3.36 -13.04 23.81
N LEU A 64 2.60 -13.20 22.73
CA LEU A 64 2.94 -14.16 21.67
C LEU A 64 4.23 -13.78 20.95
N VAL A 65 4.33 -12.50 20.61
CA VAL A 65 5.50 -11.99 19.91
C VAL A 65 6.73 -12.04 20.84
N LYS A 66 6.54 -11.68 22.11
CA LYS A 66 7.60 -11.86 23.11
C LYS A 66 8.08 -13.32 23.18
N SER A 67 7.14 -14.26 23.14
CA SER A 67 7.46 -15.70 23.15
C SER A 67 8.31 -16.16 21.95
N TRP A 68 8.24 -15.43 20.83
CA TRP A 68 9.10 -15.70 19.67
C TRP A 68 10.48 -15.04 19.75
N GLY A 69 10.80 -14.38 20.86
CA GLY A 69 12.09 -13.72 21.05
C GLY A 69 12.10 -12.24 20.70
N ILE A 70 10.98 -11.73 20.21
CA ILE A 70 10.85 -10.31 19.85
C ILE A 70 10.31 -9.64 21.11
N SER A 71 11.27 -9.23 21.95
CA SER A 71 11.00 -8.77 23.29
C SER A 71 11.86 -7.54 23.57
N PRO A 72 11.37 -6.63 24.43
CA PRO A 72 12.21 -5.50 24.84
C PRO A 72 13.42 -5.90 25.71
N THR A 73 13.40 -7.11 26.28
CA THR A 73 14.48 -7.61 27.13
C THR A 73 15.61 -8.30 26.38
N ASN A 74 15.41 -8.55 25.08
CA ASN A 74 16.37 -9.30 24.29
C ASN A 74 17.66 -8.50 24.17
N PRO A 75 18.83 -9.11 24.48
CA PRO A 75 20.12 -8.40 24.35
C PRO A 75 20.51 -8.03 22.92
N ASP A 76 19.97 -8.74 21.93
CA ASP A 76 20.19 -8.44 20.52
C ASP A 76 19.37 -7.21 20.15
N ARG A 77 20.08 -6.13 19.81
CA ARG A 77 19.43 -4.84 19.50
C ARG A 77 18.46 -4.93 18.34
N LYS A 78 18.74 -5.79 17.36
CA LYS A 78 17.80 -6.08 16.28
C LYS A 78 16.43 -6.52 16.80
N LYS A 79 16.41 -7.41 17.79
CA LYS A 79 15.17 -8.00 18.26
C LYS A 79 14.42 -7.06 19.18
N SER A 80 15.14 -6.37 20.06
CA SER A 80 14.54 -5.35 20.91
C SER A 80 14.05 -4.15 20.09
N THR A 81 14.73 -3.83 19.00
CA THR A 81 14.28 -2.77 18.09
C THR A 81 13.05 -3.27 17.31
N ALA A 82 13.09 -4.52 16.87
CA ALA A 82 11.90 -5.17 16.25
C ALA A 82 10.69 -5.05 17.15
N TYR A 83 10.90 -5.33 18.44
CA TYR A 83 9.84 -5.21 19.44
C TYR A 83 9.33 -3.79 19.58
N SER A 84 10.25 -2.85 19.70
CA SER A 84 9.88 -1.44 19.85
C SER A 84 8.94 -0.99 18.72
N TYR A 85 9.31 -1.34 17.50
CA TYR A 85 8.49 -1.04 16.31
C TYR A 85 7.15 -1.76 16.38
N PHE A 86 7.17 -3.07 16.67
CA PHE A 86 5.94 -3.86 16.83
C PHE A 86 4.99 -3.26 17.87
N ASN A 87 5.55 -2.85 19.00
CA ASN A 87 4.74 -2.28 20.06
C ASN A 87 3.97 -1.02 19.62
N ALA A 88 4.62 -0.17 18.83
CA ALA A 88 3.98 1.07 18.35
C ALA A 88 2.72 0.80 17.52
N ILE A 89 2.79 -0.18 16.61
CA ILE A 89 1.62 -0.53 15.79
C ILE A 89 0.59 -1.36 16.58
N ASN A 90 1.07 -2.21 17.50
CA ASN A 90 0.17 -3.00 18.35
C ASN A 90 -0.63 -2.15 19.36
N SER A 91 -0.20 -0.90 19.56
CA SER A 91 -0.86 0.01 20.50
C SER A 91 -2.11 0.67 19.94
N ASN A 92 -2.35 0.56 18.63
CA ASN A 92 -3.54 1.12 18.00
C ASN A 92 -4.61 0.04 17.92
N ASN A 93 -5.59 0.12 18.81
CA ASN A 93 -6.60 -0.92 18.88
C ASN A 93 -7.78 -0.75 17.88
N THR A 94 -7.74 0.27 17.01
CA THR A 94 -8.68 0.32 15.87
C THR A 94 -8.36 -0.69 14.76
N TYR A 95 -7.14 -1.24 14.77
CA TYR A 95 -6.73 -2.28 13.81
C TYR A 95 -7.12 -3.69 14.30
N ALA A 96 -7.48 -4.53 13.33
CA ALA A 96 -7.63 -5.96 13.58
C ALA A 96 -6.23 -6.56 13.54
N LYS A 97 -5.87 -7.23 14.62
CA LYS A 97 -4.53 -7.76 14.84
C LYS A 97 -4.51 -9.22 14.40
N LEU A 98 -3.69 -9.53 13.40
CA LEU A 98 -3.65 -10.85 12.77
C LEU A 98 -2.25 -11.45 12.80
N VAL A 99 -2.19 -12.78 12.97
CA VAL A 99 -0.99 -13.55 12.71
C VAL A 99 -1.25 -14.34 11.43
N LEU A 100 -0.51 -14.02 10.38
CA LEU A 100 -0.59 -14.73 9.12
C LEU A 100 0.26 -15.96 9.17
N GLU A 101 -0.30 -17.07 8.71
CA GLU A 101 0.43 -18.31 8.53
C GLU A 101 0.77 -18.41 7.08
N LYS A 102 1.96 -18.90 6.79
CA LYS A 102 2.44 -19.06 5.42
C LYS A 102 1.47 -19.83 4.53
N ASP A 103 1.10 -19.22 3.39
CA ASP A 103 0.18 -19.83 2.43
C ASP A 103 -1.27 -20.04 2.87
N LYS A 104 -1.67 -19.44 4.01
CA LYS A 104 -3.04 -19.54 4.50
C LYS A 104 -3.73 -18.17 4.31
N PRO A 105 -4.52 -18.02 3.22
CA PRO A 105 -5.20 -16.75 2.95
C PRO A 105 -6.17 -16.33 4.05
N VAL A 106 -6.30 -15.02 4.25
CA VAL A 106 -7.23 -14.42 5.20
C VAL A 106 -7.95 -13.28 4.50
N ASP A 107 -9.29 -13.32 4.53
CA ASP A 107 -10.11 -12.25 3.94
C ASP A 107 -10.48 -11.20 4.97
N VAL A 108 -10.41 -9.94 4.56
CA VAL A 108 -10.90 -8.83 5.38
C VAL A 108 -11.89 -8.11 4.48
N THR A 109 -13.15 -8.06 4.94
CA THR A 109 -14.25 -7.57 4.12
C THR A 109 -14.72 -6.25 4.68
N TYR A 110 -14.77 -5.24 3.81
CA TYR A 110 -15.25 -3.93 4.18
C TYR A 110 -16.56 -3.68 3.46
N THR A 111 -17.59 -3.31 4.22
CA THR A 111 -18.90 -2.99 3.68
C THR A 111 -19.33 -1.60 4.11
N GLY A 112 -20.44 -1.14 3.52
CA GLY A 112 -21.03 0.15 3.85
C GLY A 112 -20.17 1.30 3.41
N LEU A 113 -19.48 1.14 2.28
CA LEU A 113 -18.66 2.22 1.72
C LEU A 113 -19.55 3.38 1.29
N LYS A 114 -19.14 4.59 1.66
CA LYS A 114 -19.94 5.80 1.53
C LYS A 114 -19.49 6.73 0.41
N ASN A 115 -18.22 6.69 0.05
CA ASN A 115 -17.58 7.75 -0.75
C ASN A 115 -17.01 7.27 -2.08
N SER A 116 -17.20 6.00 -2.40
CA SER A 116 -16.42 5.36 -3.44
C SER A 116 -17.24 4.96 -4.66
N SER A 117 -16.61 5.07 -5.83
CA SER A 117 -17.27 4.73 -7.09
C SER A 117 -16.25 4.49 -8.21
N PHE A 118 -16.70 3.85 -9.28
CA PHE A 118 -15.91 3.66 -10.48
C PHE A 118 -16.75 4.05 -11.66
N ASN A 119 -16.28 5.03 -12.42
CA ASN A 119 -16.96 5.54 -13.61
C ASN A 119 -18.46 5.79 -13.38
N GLY A 120 -18.78 6.45 -12.28
CA GLY A 120 -20.17 6.77 -11.90
C GLY A 120 -20.96 5.67 -11.20
N LYS A 121 -20.39 4.47 -11.05
CA LYS A 121 -21.08 3.36 -10.39
C LYS A 121 -20.55 3.17 -8.96
N LYS A 122 -21.46 3.22 -7.97
CA LYS A 122 -21.10 3.11 -6.57
C LYS A 122 -20.40 1.80 -6.23
N ILE A 123 -19.31 1.90 -5.48
CA ILE A 123 -18.63 0.75 -4.87
C ILE A 123 -19.18 0.62 -3.46
N SER A 124 -19.77 -0.53 -3.13
CA SER A 124 -20.36 -0.77 -1.81
C SER A 124 -19.47 -1.55 -0.87
N LYS A 125 -18.54 -2.34 -1.44
CA LYS A 125 -17.82 -3.34 -0.70
C LYS A 125 -16.46 -3.58 -1.35
N VAL A 126 -15.44 -3.82 -0.53
CA VAL A 126 -14.13 -4.26 -1.02
C VAL A 126 -13.65 -5.38 -0.11
N VAL A 127 -13.11 -6.43 -0.71
CA VAL A 127 -12.56 -7.56 0.03
C VAL A 127 -11.08 -7.65 -0.28
N TYR A 128 -10.27 -7.63 0.77
CA TYR A 128 -8.84 -7.89 0.67
C TYR A 128 -8.56 -9.33 1.07
N THR A 129 -7.69 -10.00 0.33
CA THR A 129 -7.20 -11.31 0.76
C THR A 129 -5.69 -11.23 1.00
N TYR A 130 -5.24 -11.52 2.23
CA TYR A 130 -3.83 -11.48 2.60
C TYR A 130 -3.29 -12.88 2.76
N THR A 131 -2.17 -13.17 2.07
CA THR A 131 -1.54 -14.48 2.13
C THR A 131 -0.04 -14.27 2.33
N LEU A 132 0.48 -14.60 3.52
CA LEU A 132 1.93 -14.61 3.72
C LEU A 132 2.59 -15.60 2.75
N LYS A 133 3.57 -15.12 1.99
CA LYS A 133 4.30 -15.97 1.05
C LYS A 133 5.69 -16.33 1.54
N GLU A 134 6.41 -15.36 2.12
CA GLU A 134 7.75 -15.60 2.66
C GLU A 134 8.03 -14.64 3.80
N THR A 135 8.85 -15.08 4.76
CA THR A 135 9.47 -14.17 5.70
C THR A 135 10.81 -14.70 6.17
N GLY A 136 11.74 -13.78 6.39
CA GLY A 136 13.06 -14.12 6.93
C GLY A 136 13.07 -14.40 8.41
N PHE A 137 11.94 -14.16 9.10
CA PHE A 137 11.90 -14.28 10.54
C PHE A 137 11.74 -15.73 11.01
N ASN A 138 12.61 -16.16 11.92
CA ASN A 138 12.54 -17.51 12.52
C ASN A 138 12.36 -18.61 11.45
N ASP A 139 11.39 -19.51 11.58
CA ASP A 139 11.25 -20.62 10.62
C ASP A 139 10.49 -20.26 9.34
N GLY A 140 10.19 -18.97 9.12
CA GLY A 140 9.54 -18.51 7.89
C GLY A 140 8.05 -18.72 7.78
N THR A 141 7.41 -19.10 8.89
CA THR A 141 6.06 -19.62 8.90
C THR A 141 4.98 -18.62 9.32
N LYS A 142 5.36 -17.58 10.07
CA LYS A 142 4.38 -16.66 10.66
C LYS A 142 4.86 -15.23 10.62
N MET A 143 3.92 -14.30 10.52
CA MET A 143 4.21 -12.87 10.64
C MET A 143 2.95 -12.10 11.00
N THR A 144 3.14 -11.04 11.77
CA THR A 144 2.04 -10.20 12.19
C THR A 144 1.71 -9.12 11.14
N MET A 145 0.40 -8.83 11.01
CA MET A 145 -0.07 -7.66 10.27
C MET A 145 -1.31 -7.10 10.98
N PHE A 146 -1.72 -5.91 10.55
CA PHE A 146 -2.77 -5.13 11.18
C PHE A 146 -3.69 -4.58 10.10
N ALA A 147 -4.96 -4.94 10.15
CA ALA A 147 -5.94 -4.49 9.15
C ALA A 147 -6.69 -3.27 9.66
N SER A 148 -6.58 -2.16 8.93
CA SER A 148 -7.20 -0.88 9.29
C SER A 148 -8.72 -0.94 9.31
N SER A 149 -9.33 -0.04 10.07
CA SER A 149 -10.76 0.16 10.02
C SER A 149 -11.18 0.76 8.68
N ASP A 150 -10.25 1.43 8.01
CA ASP A 150 -10.49 2.12 6.76
C ASP A 150 -9.77 1.37 5.63
N PRO A 151 -10.52 0.87 4.62
CA PRO A 151 -9.90 0.09 3.52
C PRO A 151 -8.93 0.86 2.62
N THR A 152 -9.02 2.20 2.65
CA THR A 152 -8.11 3.05 1.90
C THR A 152 -6.80 3.32 2.66
N VAL A 153 -6.78 3.06 3.96
CA VAL A 153 -5.57 3.12 4.80
C VAL A 153 -4.94 1.73 4.79
N THR A 154 -5.81 0.72 4.88
CA THR A 154 -5.53 -0.65 4.44
C THR A 154 -4.77 -1.48 5.47
N ALA A 155 -3.45 -1.40 5.53
CA ALA A 155 -2.68 -2.35 6.34
C ALA A 155 -1.35 -1.83 6.81
N TRP A 156 -0.93 -2.31 7.98
CA TRP A 156 0.46 -2.28 8.40
C TRP A 156 0.91 -3.72 8.48
N TYR A 157 2.15 -3.99 8.08
CA TYR A 157 2.72 -5.31 8.39
C TYR A 157 4.12 -5.18 8.98
N ASN A 158 4.58 -6.26 9.61
CA ASN A 158 5.89 -6.32 10.21
C ASN A 158 6.85 -7.19 9.39
N ASP A 159 8.14 -6.95 9.57
CA ASP A 159 9.16 -7.94 9.21
C ASP A 159 10.17 -8.24 10.32
N TYR A 160 9.99 -7.63 11.50
CA TYR A 160 10.95 -7.76 12.62
C TYR A 160 12.42 -7.55 12.19
N PHE A 161 12.60 -6.60 11.28
CA PHE A 161 13.87 -6.29 10.63
C PHE A 161 14.56 -7.45 9.90
N THR A 162 13.79 -8.43 9.44
CA THR A 162 14.28 -9.41 8.50
C THR A 162 13.67 -9.07 7.14
N SER A 163 12.64 -9.79 6.72
CA SER A 163 11.98 -9.51 5.45
C SER A 163 10.62 -10.15 5.47
N THR A 164 9.71 -9.61 4.66
CA THR A 164 8.35 -10.14 4.57
C THR A 164 7.84 -9.96 3.17
N ASN A 165 7.07 -10.94 2.70
CA ASN A 165 6.41 -10.91 1.40
C ASN A 165 5.00 -11.47 1.58
N ILE A 166 4.00 -10.60 1.40
CA ILE A 166 2.59 -10.92 1.54
C ILE A 166 1.83 -10.64 0.24
N ASN A 167 1.22 -11.67 -0.32
CA ASN A 167 0.32 -11.48 -1.46
C ASN A 167 -0.98 -10.87 -0.99
N VAL A 168 -1.51 -9.97 -1.82
CA VAL A 168 -2.77 -9.32 -1.59
C VAL A 168 -3.63 -9.44 -2.85
N LYS A 169 -4.86 -9.92 -2.69
N LYS A 169 -4.87 -9.92 -2.68
CA LYS A 169 -5.88 -9.85 -3.74
CA LYS A 169 -5.88 -9.84 -3.75
C LYS A 169 -6.88 -8.79 -3.32
C LYS A 169 -6.89 -8.80 -3.32
N VAL A 170 -7.45 -8.06 -4.29
CA VAL A 170 -8.44 -7.02 -3.99
C VAL A 170 -9.59 -7.21 -4.96
N LYS A 171 -10.81 -7.21 -4.43
CA LYS A 171 -12.02 -7.34 -5.22
C LYS A 171 -13.05 -6.34 -4.70
N PHE A 172 -13.62 -5.59 -5.64
CA PHE A 172 -14.58 -4.54 -5.34
C PHE A 172 -15.96 -5.00 -5.83
N TYR A 173 -17.00 -4.61 -5.10
CA TYR A 173 -18.36 -5.07 -5.39
C TYR A 173 -19.36 -3.92 -5.37
N ASP A 174 -20.33 -3.98 -6.27
CA ASP A 174 -21.35 -2.94 -6.38
C ASP A 174 -22.49 -3.21 -5.38
N GLU A 175 -23.49 -2.31 -5.39
CA GLU A 175 -24.71 -2.42 -4.58
C GLU A 175 -25.45 -3.77 -4.73
N GLU A 176 -25.35 -4.37 -5.92
CA GLU A 176 -26.03 -5.63 -6.23
C GLU A 176 -25.22 -6.86 -5.81
N GLY A 177 -24.04 -6.65 -5.21
CA GLY A 177 -23.15 -7.73 -4.80
C GLY A 177 -22.31 -8.35 -5.90
N GLN A 178 -22.27 -7.72 -7.07
N GLN A 178 -22.28 -7.68 -7.07
CA GLN A 178 -21.57 -8.30 -8.21
CA GLN A 178 -21.58 -8.16 -8.26
C GLN A 178 -20.16 -7.72 -8.29
C GLN A 178 -20.13 -7.71 -8.21
N LEU A 179 -19.21 -8.56 -8.68
CA LEU A 179 -17.80 -8.19 -8.83
C LEU A 179 -17.60 -7.17 -9.94
N MET A 180 -16.98 -6.06 -9.59
CA MET A 180 -16.79 -4.94 -10.50
C MET A 180 -15.45 -5.11 -11.20
N ASN A 181 -15.42 -4.77 -12.48
CA ASN A 181 -14.19 -4.74 -13.25
C ASN A 181 -13.76 -3.27 -13.31
N LEU A 182 -12.70 -2.93 -12.58
CA LEU A 182 -12.24 -1.54 -12.52
C LEU A 182 -11.07 -1.29 -13.49
N THR A 183 -10.99 -2.09 -14.56
CA THR A 183 -9.97 -1.95 -15.58
C THR A 183 -9.88 -0.49 -16.05
N GLY A 184 -8.65 0.04 -16.02
CA GLY A 184 -8.41 1.43 -16.40
C GLY A 184 -8.32 2.39 -15.23
N GLY A 185 -8.99 2.06 -14.12
CA GLY A 185 -8.85 2.84 -12.89
C GLY A 185 -7.40 2.88 -12.43
N LEU A 186 -7.01 3.97 -11.79
CA LEU A 186 -5.63 4.19 -11.34
C LEU A 186 -5.51 4.07 -9.82
N VAL A 187 -4.54 3.29 -9.39
CA VAL A 187 -4.23 3.16 -7.96
C VAL A 187 -2.87 3.73 -7.63
N ASN A 188 -2.75 4.20 -6.39
CA ASN A 188 -1.51 4.82 -5.90
C ASN A 188 -0.69 3.82 -5.10
N PHE A 189 0.49 3.47 -5.60
CA PHE A 189 1.48 2.75 -4.80
C PHE A 189 2.47 3.78 -4.28
N SER A 190 2.28 4.18 -3.03
CA SER A 190 2.97 5.32 -2.43
C SER A 190 3.96 4.90 -1.37
N SER A 191 4.72 5.90 -0.92
CA SER A 191 5.62 5.77 0.23
C SER A 191 6.47 4.50 0.11
N LEU A 192 7.07 4.26 -1.04
CA LEU A 192 7.90 3.09 -1.25
C LEU A 192 9.31 3.46 -0.84
N ASN A 193 9.50 3.49 0.47
CA ASN A 193 10.76 3.96 1.06
C ASN A 193 11.94 3.03 0.80
N ARG A 194 13.08 3.63 0.53
CA ARG A 194 14.36 2.93 0.57
C ARG A 194 15.35 3.82 1.28
N GLY A 195 16.11 3.23 2.22
CA GLY A 195 17.10 3.99 2.98
C GLY A 195 16.60 4.57 4.28
N ASN A 196 15.35 4.28 4.65
CA ASN A 196 14.73 4.87 5.85
C ASN A 196 14.73 3.89 7.04
N GLY A 197 15.71 2.98 7.07
CA GLY A 197 15.77 1.94 8.07
C GLY A 197 16.35 2.44 9.39
N SER A 198 16.35 1.56 10.38
CA SER A 198 17.00 1.86 11.66
C SER A 198 18.52 1.92 11.45
N GLY A 199 19.10 3.06 11.80
CA GLY A 199 20.55 3.24 11.77
C GLY A 199 21.31 2.27 12.65
N ALA A 200 20.67 1.79 13.72
CA ALA A 200 21.23 0.73 14.57
C ALA A 200 21.23 -0.66 13.92
N ILE A 201 20.48 -0.86 12.84
CA ILE A 201 20.36 -2.15 12.19
C ILE A 201 20.94 -2.09 10.77
N ASP A 202 20.30 -1.30 9.91
CA ASP A 202 20.73 -1.10 8.52
C ASP A 202 19.84 -0.02 7.95
N LYS A 203 20.42 1.10 7.54
CA LYS A 203 19.62 2.16 6.93
C LYS A 203 18.94 1.71 5.62
N ASP A 204 19.55 0.78 4.87
CA ASP A 204 19.02 0.35 3.58
C ASP A 204 17.81 -0.61 3.67
N ALA A 205 16.79 -0.19 4.40
CA ALA A 205 15.51 -0.88 4.43
C ALA A 205 14.87 -0.61 3.07
N ILE A 206 14.10 -1.56 2.57
CA ILE A 206 13.46 -1.41 1.26
C ILE A 206 12.01 -1.83 1.34
N GLU A 207 11.12 -0.95 0.89
CA GLU A 207 9.70 -1.25 0.72
C GLU A 207 9.42 -1.35 -0.77
N SER A 208 8.67 -2.37 -1.16
CA SER A 208 8.38 -2.63 -2.57
C SER A 208 6.97 -3.16 -2.79
N VAL A 209 6.53 -3.08 -4.05
CA VAL A 209 5.38 -3.80 -4.55
C VAL A 209 5.89 -4.75 -5.60
N ARG A 210 5.55 -6.03 -5.46
CA ARG A 210 5.97 -7.08 -6.40
C ARG A 210 4.79 -7.77 -7.09
N ASN A 211 5.05 -8.36 -8.26
CA ASN A 211 4.05 -9.19 -8.94
C ASN A 211 2.70 -8.49 -9.19
N PHE A 212 2.73 -7.20 -9.50
CA PHE A 212 1.50 -6.47 -9.79
C PHE A 212 0.87 -7.07 -11.06
N ASN A 213 -0.41 -7.43 -10.99
CA ASN A 213 -1.11 -8.02 -12.15
C ASN A 213 -1.79 -6.98 -13.05
N GLY A 214 -1.53 -5.70 -12.77
CA GLY A 214 -1.87 -4.62 -13.67
C GLY A 214 -0.65 -4.10 -14.40
N ARG A 215 -0.77 -2.85 -14.84
CA ARG A 215 0.26 -2.21 -15.62
C ARG A 215 0.68 -0.93 -14.88
N TYR A 216 1.95 -0.83 -14.50
CA TYR A 216 2.47 0.38 -13.85
C TYR A 216 2.58 1.50 -14.88
N ILE A 217 2.37 2.73 -14.42
CA ILE A 217 2.68 3.93 -15.19
C ILE A 217 3.75 4.67 -14.39
N PRO A 218 4.99 4.66 -14.88
CA PRO A 218 6.04 5.39 -14.18
C PRO A 218 5.72 6.88 -14.05
N ILE A 219 6.04 7.45 -12.89
CA ILE A 219 5.94 8.90 -12.69
C ILE A 219 7.30 9.48 -13.02
N SER A 220 7.35 10.39 -13.99
CA SER A 220 8.57 11.09 -14.35
C SER A 220 9.28 11.71 -13.15
N GLY A 221 10.55 11.42 -13.00
CA GLY A 221 11.34 11.93 -11.88
C GLY A 221 11.30 11.12 -10.60
N SER A 222 10.37 10.17 -10.50
CA SER A 222 10.22 9.39 -9.28
C SER A 222 11.41 8.50 -9.06
N SER A 223 11.71 8.25 -7.80
CA SER A 223 12.73 7.27 -7.43
C SER A 223 12.28 5.83 -7.70
N ILE A 224 10.98 5.60 -7.90
CA ILE A 224 10.46 4.25 -7.96
C ILE A 224 10.56 3.75 -9.40
N LYS A 225 11.37 2.72 -9.58
CA LYS A 225 11.61 2.09 -10.88
C LYS A 225 10.91 0.72 -10.96
N ILE A 226 10.61 0.25 -12.19
CA ILE A 226 10.05 -1.08 -12.39
C ILE A 226 11.19 -2.06 -12.60
N HIS A 227 11.01 -3.29 -12.13
CA HIS A 227 11.96 -4.37 -12.24
C HIS A 227 11.22 -5.63 -12.63
N GLU A 228 11.98 -6.70 -12.89
CA GLU A 228 11.42 -7.99 -13.25
C GLU A 228 10.28 -8.43 -12.33
N ASN A 229 9.36 -9.20 -12.91
CA ASN A 229 8.19 -9.71 -12.21
C ASN A 229 7.36 -8.58 -11.65
N ASN A 230 7.20 -7.57 -12.51
CA ASN A 230 6.44 -6.35 -12.24
C ASN A 230 6.60 -5.86 -10.82
N SER A 231 7.85 -5.54 -10.50
CA SER A 231 8.20 -5.16 -9.13
C SER A 231 8.73 -3.74 -9.10
N ALA A 232 8.10 -2.91 -8.28
CA ALA A 232 8.40 -1.49 -8.20
C ALA A 232 9.10 -1.18 -6.86
N TYR A 233 10.26 -0.55 -6.95
CA TYR A 233 11.01 -0.06 -5.80
C TYR A 233 12.12 0.88 -6.27
N ALA A 234 12.73 1.56 -5.31
CA ALA A 234 13.88 2.44 -5.56
C ALA A 234 15.19 1.65 -5.59
N ASP A 235 16.13 2.12 -6.40
CA ASP A 235 17.42 1.45 -6.59
C ASP A 235 18.51 1.95 -5.63
N SER A 236 18.23 3.05 -4.91
CA SER A 236 19.15 3.64 -3.95
C SER A 236 18.31 4.48 -2.99
N SER A 237 18.95 5.05 -1.98
CA SER A 237 18.23 5.79 -0.94
C SER A 237 17.32 6.87 -1.53
N ASN A 238 16.04 6.83 -1.16
CA ASN A 238 15.17 7.98 -1.36
C ASN A 238 14.86 8.63 -0.01
N ALA A 239 15.66 8.28 1.00
CA ALA A 239 15.49 8.73 2.37
C ALA A 239 16.43 9.87 2.79
N GLU A 240 17.65 9.88 2.28
CA GLU A 240 18.67 10.85 2.69
C GLU A 240 19.42 11.44 1.50
N LYS A 241 19.42 12.77 1.42
CA LYS A 241 20.22 13.50 0.46
C LYS A 241 21.71 13.16 0.54
N SER A 242 22.20 12.93 1.75
CA SER A 242 23.57 12.49 1.99
C SER A 242 23.92 11.12 1.41
N LEU A 243 22.91 10.32 1.04
CA LEU A 243 23.08 9.10 0.26
C LEU A 243 22.40 9.16 -1.13
N GLY A 244 22.23 10.37 -1.64
CA GLY A 244 21.84 10.61 -3.03
C GLY A 244 20.38 10.94 -3.28
N ALA A 245 19.53 10.86 -2.25
CA ALA A 245 18.13 11.22 -2.44
C ALA A 245 17.95 12.67 -2.92
N ARG A 246 16.89 12.91 -3.67
CA ARG A 246 16.55 14.26 -4.08
C ARG A 246 16.02 15.07 -2.88
N TRP A 247 15.25 14.39 -2.03
CA TRP A 247 14.66 14.96 -0.81
C TRP A 247 14.81 13.97 0.33
N ASN A 248 15.00 14.47 1.57
CA ASN A 248 14.94 13.60 2.74
C ASN A 248 13.50 13.12 2.88
N THR A 249 13.31 11.96 3.50
CA THR A 249 11.99 11.38 3.66
C THR A 249 10.93 12.40 4.13
N SER A 250 11.26 13.14 5.18
CA SER A 250 10.31 14.08 5.79
C SER A 250 9.90 15.23 4.88
N GLU A 251 10.71 15.50 3.85
CA GLU A 251 10.41 16.52 2.86
C GLU A 251 9.45 16.06 1.76
N TRP A 252 9.26 14.75 1.58
CA TRP A 252 8.36 14.26 0.52
C TRP A 252 7.30 13.27 0.97
N ASP A 253 7.57 12.43 1.97
CA ASP A 253 6.70 11.33 2.29
C ASP A 253 5.59 11.73 3.29
N THR A 254 4.71 12.62 2.84
CA THR A 254 3.46 12.93 3.55
C THR A 254 2.32 12.97 2.53
N THR A 255 1.08 12.89 3.03
CA THR A 255 -0.11 13.08 2.17
C THR A 255 -0.15 14.49 1.60
N SER A 256 0.42 15.46 2.31
CA SER A 256 0.38 16.86 1.88
C SER A 256 1.58 17.42 1.11
N SER A 257 2.68 16.67 1.00
CA SER A 257 3.84 17.20 0.27
C SER A 257 3.58 17.26 -1.23
N PRO A 258 3.93 18.39 -1.89
CA PRO A 258 3.86 18.42 -3.35
C PRO A 258 4.92 17.51 -4.02
N ASN A 259 5.87 17.03 -3.23
CA ASN A 259 6.94 16.15 -3.71
C ASN A 259 6.62 14.66 -3.51
N ASN A 260 5.44 14.32 -2.98
CA ASN A 260 5.16 12.92 -2.59
C ASN A 260 5.17 11.90 -3.73
N TRP A 261 4.96 12.35 -4.97
CA TRP A 261 5.22 11.53 -6.18
C TRP A 261 6.65 10.92 -6.25
N TYR A 262 7.60 11.55 -5.56
CA TYR A 262 8.99 11.10 -5.59
C TYR A 262 9.21 9.67 -5.05
N GLY A 263 8.36 9.22 -4.13
CA GLY A 263 8.36 7.82 -3.67
C GLY A 263 7.21 6.96 -4.14
N ALA A 264 6.61 7.32 -5.27
CA ALA A 264 5.38 6.67 -5.75
C ALA A 264 5.47 6.13 -7.17
N ILE A 265 4.61 5.16 -7.47
CA ILE A 265 4.33 4.77 -8.85
C ILE A 265 2.81 4.57 -8.96
N VAL A 266 2.27 4.78 -10.16
CA VAL A 266 0.84 4.56 -10.38
C VAL A 266 0.64 3.16 -10.95
N GLY A 267 -0.43 2.49 -10.51
CA GLY A 267 -0.86 1.21 -11.07
C GLY A 267 -2.14 1.41 -11.84
N GLU A 268 -2.19 0.88 -13.06
CA GLU A 268 -3.45 0.83 -13.81
C GLU A 268 -4.05 -0.56 -13.70
N ILE A 269 -5.28 -0.63 -13.19
CA ILE A 269 -5.97 -1.91 -13.00
C ILE A 269 -6.33 -2.55 -14.34
N THR A 270 -6.21 -3.87 -14.44
CA THR A 270 -6.52 -4.62 -15.68
C THR A 270 -7.38 -5.87 -15.48
N GLN A 271 -7.76 -6.15 -14.23
CA GLN A 271 -8.45 -7.38 -13.87
C GLN A 271 -9.46 -7.07 -12.77
N SER A 272 -10.52 -7.87 -12.72
CA SER A 272 -11.52 -7.77 -11.65
C SER A 272 -10.92 -8.18 -10.29
N GLU A 273 -10.02 -9.16 -10.29
CA GLU A 273 -9.26 -9.49 -9.09
C GLU A 273 -7.86 -8.94 -9.23
N ILE A 274 -7.60 -7.89 -8.48
CA ILE A 274 -6.33 -7.21 -8.48
C ILE A 274 -5.40 -8.00 -7.59
N SER A 275 -4.13 -8.10 -7.98
CA SER A 275 -3.15 -8.87 -7.24
C SER A 275 -1.80 -8.15 -7.22
N PHE A 276 -1.17 -8.12 -6.06
CA PHE A 276 0.18 -7.62 -5.93
C PHE A 276 0.73 -8.16 -4.63
N ASN A 277 2.04 -8.09 -4.47
CA ASN A 277 2.70 -8.54 -3.25
C ASN A 277 3.34 -7.33 -2.55
N MET A 278 3.01 -7.15 -1.27
CA MET A 278 3.71 -6.18 -0.43
C MET A 278 4.98 -6.85 0.07
N ALA A 279 6.14 -6.23 -0.17
CA ALA A 279 7.40 -6.85 0.24
C ALA A 279 8.32 -5.83 0.90
N SER A 280 9.00 -6.28 1.94
CA SER A 280 9.89 -5.42 2.70
C SER A 280 11.16 -6.18 3.09
N SER A 281 12.19 -5.39 3.35
CA SER A 281 13.48 -5.89 3.83
C SER A 281 13.93 -4.91 4.89
N LYS A 282 14.15 -5.39 6.11
CA LYS A 282 14.73 -4.61 7.20
C LYS A 282 13.98 -3.33 7.59
N SER A 283 12.65 -3.33 7.48
CA SER A 283 11.86 -2.12 7.73
C SER A 283 11.22 -2.06 9.11
N GLY A 284 11.03 -3.21 9.77
CA GLY A 284 10.38 -3.21 11.09
C GLY A 284 8.87 -3.16 10.97
N ASN A 285 8.35 -1.98 10.67
CA ASN A 285 6.95 -1.71 10.40
C ASN A 285 6.82 -1.16 9.00
N ILE A 286 5.77 -1.55 8.30
CA ILE A 286 5.48 -1.04 6.95
C ILE A 286 4.01 -0.70 6.89
N TRP A 287 3.70 0.55 6.54
CA TRP A 287 2.33 0.97 6.25
C TRP A 287 2.09 0.85 4.73
N PHE A 288 1.18 -0.02 4.34
CA PHE A 288 0.83 -0.19 2.93
C PHE A 288 -0.63 0.21 2.71
N ALA A 289 -0.81 1.41 2.17
CA ALA A 289 -2.11 1.93 1.82
C ALA A 289 -2.41 1.60 0.36
N PHE A 290 -3.63 1.15 0.11
CA PHE A 290 -4.11 0.87 -1.23
C PHE A 290 -5.35 1.72 -1.46
N ASN A 291 -5.23 2.69 -2.37
CA ASN A 291 -6.30 3.61 -2.69
C ASN A 291 -6.06 4.26 -4.06
N SER A 292 -7.02 5.09 -4.48
CA SER A 292 -6.95 5.82 -5.75
C SER A 292 -6.35 7.22 -5.62
N ASN A 293 -5.71 7.54 -4.49
CA ASN A 293 -5.20 8.90 -4.25
C ASN A 293 -3.84 9.09 -4.90
N ILE A 294 -3.85 9.08 -6.23
CA ILE A 294 -2.60 9.17 -6.98
C ILE A 294 -1.93 10.53 -6.73
N ASN A 295 -0.61 10.46 -6.66
CA ASN A 295 0.31 11.54 -6.32
C ASN A 295 0.81 12.28 -7.55
N ALA A 296 0.58 11.73 -8.74
CA ALA A 296 1.07 12.34 -9.97
C ALA A 296 0.34 13.64 -10.24
N ILE A 297 1.00 14.53 -10.97
CA ILE A 297 0.47 15.86 -11.30
C ILE A 297 -0.30 15.79 -12.62
N GLY A 298 -1.40 16.54 -12.72
CA GLY A 298 -2.11 16.76 -13.98
C GLY A 298 -2.96 15.63 -14.52
N VAL A 299 -3.38 14.70 -13.65
CA VAL A 299 -4.28 13.61 -14.00
C VAL A 299 -5.74 14.05 -13.83
N PRO A 300 -6.47 14.34 -14.93
CA PRO A 300 -7.85 14.78 -14.76
C PRO A 300 -8.81 13.63 -14.43
N THR A 301 -9.91 13.96 -13.76
CA THR A 301 -10.97 12.98 -13.52
C THR A 301 -11.72 12.81 -14.83
N LYS A 302 -11.97 11.57 -15.24
CA LYS A 302 -12.72 11.32 -16.46
C LYS A 302 -14.21 11.56 -16.19
N PRO A 303 -14.85 12.46 -16.96
CA PRO A 303 -16.26 12.78 -16.70
C PRO A 303 -17.20 11.63 -17.08
N VAL A 304 -18.35 11.58 -16.43
CA VAL A 304 -19.35 10.54 -16.64
C VAL A 304 -20.54 11.12 -17.41
N ALA A 305 -20.91 10.46 -18.51
CA ALA A 305 -22.23 10.61 -19.17
C ALA A 305 -22.77 12.04 -19.30
MG MG B . 6.28 3.73 3.20
C1 GOL C . 18.06 10.52 -6.68
O1 GOL C . 17.03 10.98 -7.55
C2 GOL C . 17.83 9.07 -6.39
O2 GOL C . 16.52 8.92 -5.82
C3 GOL C . 18.04 8.23 -7.62
O3 GOL C . 19.36 8.35 -8.16
#